data_4D2K
#
_entry.id   4D2K
#
_cell.length_a   50.283
_cell.length_b   88.708
_cell.length_c   113.372
_cell.angle_alpha   90.00
_cell.angle_beta   90.00
_cell.angle_gamma   90.00
#
_symmetry.space_group_name_H-M   'P 21 21 21'
#
loop_
_entity.id
_entity.type
_entity.pdbx_description
1 polymer DREP2
2 water water
#
_entity_poly.entity_id   1
_entity_poly.type   'polypeptide(L)'
_entity_poly.pdbx_seq_one_letter_code
;MAREESRGKRPLKIWDSWRNVRKGVVVGTFEELLVRGKDKLGVPASEPVRVVLECDGTQIEDGEYFRTLANNTVLLLLRQ
GERWLEH
;
_entity_poly.pdbx_strand_id   A,B,C,D
#
# COMPACT_ATOMS: atom_id res chain seq x y z
N ARG A 7 -1.40 -5.61 -17.89
CA ARG A 7 0.02 -5.73 -17.59
C ARG A 7 0.41 -5.02 -16.28
N GLY A 8 0.60 -5.83 -15.25
CA GLY A 8 1.06 -5.39 -13.94
C GLY A 8 0.03 -4.72 -13.04
N LYS A 9 0.46 -3.73 -12.28
CA LYS A 9 -0.45 -3.06 -11.35
C LYS A 9 -1.37 -2.11 -12.11
N ARG A 10 -2.64 -2.09 -11.76
CA ARG A 10 -3.60 -1.24 -12.47
C ARG A 10 -4.53 -0.59 -11.43
N PRO A 11 -5.03 0.61 -11.73
CA PRO A 11 -5.99 1.25 -10.82
C PRO A 11 -7.37 0.66 -11.03
N LEU A 12 -8.12 0.44 -9.95
CA LEU A 12 -9.51 0.01 -10.01
C LEU A 12 -10.25 0.78 -8.92
N LYS A 13 -11.57 0.94 -9.05
CA LYS A 13 -12.36 1.63 -8.02
C LYS A 13 -13.20 0.60 -7.25
N ILE A 14 -13.18 0.67 -5.92
CA ILE A 14 -13.87 -0.31 -5.13
C ILE A 14 -14.79 0.43 -4.16
N TRP A 15 -16.08 0.21 -4.37
CA TRP A 15 -17.10 0.90 -3.60
C TRP A 15 -17.89 -0.12 -2.76
N ASP A 16 -18.52 0.34 -1.68
CA ASP A 16 -19.27 -0.61 -0.87
C ASP A 16 -20.60 -0.85 -1.55
N SER A 17 -21.36 -1.81 -1.03
CA SER A 17 -22.65 -2.23 -1.61
C SER A 17 -23.61 -1.08 -1.82
N TRP A 18 -23.55 -0.06 -0.97
CA TRP A 18 -24.46 1.08 -1.04
C TRP A 18 -23.92 2.22 -1.90
N ARG A 19 -22.72 2.05 -2.47
CA ARG A 19 -22.07 3.10 -3.27
C ARG A 19 -21.82 4.35 -2.40
N ASN A 20 -21.53 4.11 -1.14
CA ASN A 20 -21.26 5.15 -0.15
C ASN A 20 -19.75 5.35 0.07
N VAL A 21 -19.08 4.34 0.61
CA VAL A 21 -17.65 4.42 0.74
C VAL A 21 -17.07 4.04 -0.61
N ARG A 22 -16.18 4.89 -1.12
CA ARG A 22 -15.68 4.83 -2.47
C ARG A 22 -14.18 4.96 -2.41
N LYS A 23 -13.46 3.92 -2.81
CA LYS A 23 -12.01 3.87 -2.63
C LYS A 23 -11.29 3.55 -3.94
N GLY A 24 -10.01 3.87 -4.01
CA GLY A 24 -9.25 3.57 -5.19
C GLY A 24 -8.16 2.61 -4.77
N VAL A 25 -7.92 1.59 -5.59
CA VAL A 25 -6.88 0.63 -5.27
C VAL A 25 -6.04 0.44 -6.50
N VAL A 26 -4.84 -0.05 -6.29
CA VAL A 26 -3.94 -0.36 -7.39
C VAL A 26 -3.42 -1.76 -7.18
N VAL A 27 -3.78 -2.66 -8.09
CA VAL A 27 -3.53 -4.09 -7.89
C VAL A 27 -3.17 -4.81 -9.19
N GLY A 28 -2.39 -5.89 -9.05
CA GLY A 28 -1.97 -6.69 -10.19
C GLY A 28 -2.77 -7.96 -10.43
N THR A 29 -3.41 -8.48 -9.38
CA THR A 29 -4.11 -9.77 -9.45
C THR A 29 -5.47 -9.75 -8.75
N PHE A 30 -6.32 -10.70 -9.11
CA PHE A 30 -7.63 -10.82 -8.47
C PHE A 30 -7.52 -11.05 -6.95
N GLU A 31 -6.50 -11.80 -6.54
CA GLU A 31 -6.37 -12.14 -5.14
C GLU A 31 -5.98 -10.88 -4.36
N GLU A 32 -5.13 -10.08 -4.99
CA GLU A 32 -4.71 -8.79 -4.46
C GLU A 32 -5.90 -7.82 -4.50
N LEU A 33 -6.76 -7.95 -5.51
CA LEU A 33 -7.99 -7.15 -5.52
C LEU A 33 -8.78 -7.41 -4.26
N LEU A 34 -8.94 -8.68 -3.87
CA LEU A 34 -9.67 -9.02 -2.64
C LEU A 34 -8.98 -8.47 -1.38
N VAL A 35 -7.67 -8.71 -1.25
CA VAL A 35 -6.96 -8.20 -0.08
C VAL A 35 -7.08 -6.68 0.09
N ARG A 36 -6.79 -5.90 -0.96
CA ARG A 36 -6.78 -4.43 -0.85
C ARG A 36 -8.20 -3.90 -0.76
N GLY A 37 -9.13 -4.58 -1.43
CA GLY A 37 -10.52 -4.16 -1.38
C GLY A 37 -11.03 -4.31 0.04
N LYS A 38 -10.75 -5.45 0.65
CA LYS A 38 -11.21 -5.62 2.03
C LYS A 38 -10.52 -4.64 2.97
N ASP A 39 -9.19 -4.48 2.86
CA ASP A 39 -8.51 -3.47 3.69
C ASP A 39 -9.09 -2.06 3.52
N LYS A 40 -9.27 -1.62 2.28
CA LYS A 40 -9.73 -0.25 2.05
C LYS A 40 -11.18 -0.07 2.51
N LEU A 41 -11.96 -1.14 2.51
CA LEU A 41 -13.33 -0.98 2.98
C LEU A 41 -13.49 -1.38 4.44
N GLY A 42 -12.38 -1.66 5.12
CA GLY A 42 -12.40 -1.95 6.56
C GLY A 42 -13.05 -3.29 6.90
N VAL A 43 -12.91 -4.23 5.98
CA VAL A 43 -13.41 -5.58 6.13
C VAL A 43 -12.29 -6.47 6.69
N PRO A 44 -12.57 -7.24 7.76
CA PRO A 44 -11.53 -8.07 8.36
C PRO A 44 -10.98 -9.01 7.32
N ALA A 45 -9.67 -9.25 7.34
CA ALA A 45 -9.00 -9.92 6.22
C ALA A 45 -9.48 -11.33 5.95
N SER A 46 -9.92 -12.04 6.99
CA SER A 46 -10.37 -13.41 6.82
C SER A 46 -11.72 -13.51 6.15
N GLU A 47 -12.56 -12.48 6.33
CA GLU A 47 -13.98 -12.57 5.99
C GLU A 47 -14.20 -12.70 4.50
N PRO A 48 -15.11 -13.62 4.09
CA PRO A 48 -15.30 -13.75 2.66
C PRO A 48 -16.23 -12.70 2.09
N VAL A 49 -15.99 -12.39 0.83
CA VAL A 49 -16.68 -11.30 0.16
C VAL A 49 -16.92 -11.72 -1.28
N ARG A 50 -17.77 -10.97 -1.96
CA ARG A 50 -17.95 -11.13 -3.37
C ARG A 50 -17.61 -9.80 -4.06
N VAL A 51 -17.12 -9.84 -5.29
CA VAL A 51 -16.83 -8.63 -6.02
C VAL A 51 -17.68 -8.59 -7.26
N VAL A 52 -18.38 -7.50 -7.51
CA VAL A 52 -19.23 -7.45 -8.70
C VAL A 52 -19.00 -6.17 -9.45
N LEU A 53 -19.35 -6.15 -10.73
CA LEU A 53 -19.30 -4.92 -11.50
C LEU A 53 -20.36 -3.96 -10.96
N GLU A 54 -20.02 -2.69 -10.87
CA GLU A 54 -20.99 -1.73 -10.40
C GLU A 54 -22.13 -1.57 -11.40
N CYS A 55 -21.83 -1.70 -12.69
CA CYS A 55 -22.84 -1.39 -13.69
C CYS A 55 -24.00 -2.40 -13.76
N ASP A 56 -23.73 -3.69 -13.57
CA ASP A 56 -24.80 -4.68 -13.76
C ASP A 56 -24.79 -5.92 -12.82
N GLY A 57 -23.99 -5.88 -11.76
CA GLY A 57 -23.94 -6.96 -10.79
C GLY A 57 -23.19 -8.21 -11.24
N THR A 58 -22.61 -8.20 -12.44
CA THR A 58 -21.82 -9.36 -12.88
C THR A 58 -20.73 -9.65 -11.89
N GLN A 59 -20.60 -10.91 -11.46
CA GLN A 59 -19.62 -11.28 -10.46
C GLN A 59 -18.25 -11.59 -11.06
N ILE A 60 -17.18 -11.18 -10.39
CA ILE A 60 -15.82 -11.53 -10.81
C ILE A 60 -15.24 -12.51 -9.79
N GLU A 61 -14.82 -13.68 -10.25
CA GLU A 61 -14.34 -14.72 -9.32
C GLU A 61 -13.01 -15.34 -9.66
N ASP A 62 -12.24 -14.70 -10.53
CA ASP A 62 -11.01 -15.31 -11.01
C ASP A 62 -10.12 -14.33 -11.79
N GLY A 63 -8.83 -14.66 -11.86
CA GLY A 63 -7.88 -13.87 -12.62
C GLY A 63 -8.22 -13.64 -14.08
N GLU A 64 -8.88 -14.59 -14.71
CA GLU A 64 -9.10 -14.44 -16.16
C GLU A 64 -10.06 -13.25 -16.47
N TYR A 65 -11.18 -13.26 -15.78
CA TYR A 65 -12.14 -12.19 -16.00
C TYR A 65 -11.57 -10.90 -15.46
N PHE A 66 -10.88 -11.00 -14.33
CA PHE A 66 -10.25 -9.85 -13.69
C PHE A 66 -9.32 -9.16 -14.67
N ARG A 67 -8.52 -9.95 -15.39
CA ARG A 67 -7.53 -9.37 -16.28
C ARG A 67 -8.20 -8.72 -17.44
N THR A 68 -9.47 -9.06 -17.69
CA THR A 68 -10.12 -8.30 -18.79
C THR A 68 -10.61 -6.90 -18.39
N LEU A 69 -10.59 -6.56 -17.10
CA LEU A 69 -11.12 -5.27 -16.62
C LEU A 69 -10.29 -4.05 -17.04
N ALA A 70 -10.94 -3.00 -17.54
CA ALA A 70 -10.27 -1.75 -17.88
C ALA A 70 -9.87 -1.00 -16.61
N ASN A 71 -8.81 -0.20 -16.71
CA ASN A 71 -8.38 0.69 -15.63
C ASN A 71 -9.54 1.47 -15.07
N ASN A 72 -9.62 1.56 -13.75
CA ASN A 72 -10.66 2.32 -13.07
C ASN A 72 -12.10 1.89 -13.38
N THR A 73 -12.25 0.64 -13.76
CA THR A 73 -13.55 -0.03 -13.70
C THR A 73 -14.06 0.07 -12.25
N VAL A 74 -15.33 0.46 -12.11
CA VAL A 74 -15.96 0.56 -10.78
C VAL A 74 -16.54 -0.79 -10.35
N LEU A 75 -16.06 -1.30 -9.22
CA LEU A 75 -16.47 -2.58 -8.65
C LEU A 75 -17.13 -2.37 -7.29
N LEU A 76 -18.06 -3.24 -6.90
CA LEU A 76 -18.61 -3.20 -5.56
C LEU A 76 -18.12 -4.43 -4.82
N LEU A 77 -17.78 -4.22 -3.56
CA LEU A 77 -17.45 -5.33 -2.70
C LEU A 77 -18.72 -5.61 -1.89
N LEU A 78 -19.20 -6.85 -1.95
CA LEU A 78 -20.40 -7.27 -1.21
C LEU A 78 -20.01 -8.21 -0.09
N ARG A 79 -20.40 -7.88 1.13
CA ARG A 79 -20.20 -8.79 2.24
C ARG A 79 -21.52 -9.27 2.81
N GLN A 80 -21.47 -10.31 3.63
CA GLN A 80 -22.61 -10.75 4.46
C GLN A 80 -24.00 -10.59 3.88
N GLY A 81 -24.31 -11.23 2.77
CA GLY A 81 -25.67 -11.16 2.27
C GLY A 81 -26.09 -9.93 1.51
N GLU A 82 -25.18 -8.97 1.35
CA GLU A 82 -25.48 -7.78 0.56
C GLU A 82 -25.59 -8.25 -0.89
N ARG A 83 -26.46 -7.59 -1.65
CA ARG A 83 -26.69 -7.95 -3.03
C ARG A 83 -26.51 -6.74 -3.93
N TRP A 84 -26.26 -6.97 -5.21
CA TRP A 84 -26.18 -5.87 -6.15
C TRP A 84 -27.55 -5.27 -6.41
N LEU A 85 -27.64 -3.95 -6.45
CA LEU A 85 -28.84 -3.25 -6.91
C LEU A 85 -28.48 -2.11 -7.86
N GLU A 86 -29.43 -1.78 -8.74
CA GLU A 86 -29.32 -0.71 -9.74
C GLU A 86 -29.15 0.66 -9.12
N HIS A 87 -28.74 1.62 -9.94
CA HIS A 87 -28.53 3.04 -9.59
C HIS A 87 -27.28 3.20 -8.75
N GLY B 8 9.12 13.22 -10.99
CA GLY B 8 8.39 14.20 -11.73
C GLY B 8 7.17 14.74 -11.01
N LYS B 9 7.15 16.04 -10.76
CA LYS B 9 5.98 16.69 -10.17
C LYS B 9 4.92 16.85 -11.25
N ARG B 10 3.66 16.81 -10.86
CA ARG B 10 2.57 16.88 -11.83
C ARG B 10 1.61 17.97 -11.40
N PRO B 11 0.95 18.62 -12.37
CA PRO B 11 -0.09 19.62 -12.03
C PRO B 11 -1.39 18.91 -11.67
N LEU B 12 -2.09 19.40 -10.65
CA LEU B 12 -3.40 18.86 -10.28
C LEU B 12 -4.31 20.02 -9.96
N LYS B 13 -5.62 19.80 -10.06
CA LYS B 13 -6.59 20.83 -9.69
C LYS B 13 -7.26 20.43 -8.35
N ILE B 14 -7.39 21.38 -7.43
CA ILE B 14 -7.98 21.12 -6.11
C ILE B 14 -9.05 22.15 -5.84
N TRP B 15 -10.27 21.65 -5.75
CA TRP B 15 -11.41 22.50 -5.57
C TRP B 15 -11.97 22.21 -4.20
N ASP B 16 -12.80 23.10 -3.68
CA ASP B 16 -13.41 22.81 -2.40
C ASP B 16 -14.64 21.93 -2.65
N SER B 17 -15.20 21.37 -1.58
CA SER B 17 -16.35 20.47 -1.66
C SER B 17 -17.48 21.08 -2.48
N TRP B 18 -17.58 22.40 -2.46
CA TRP B 18 -18.66 23.09 -3.17
C TRP B 18 -18.33 23.45 -4.63
N ARG B 19 -17.11 23.13 -5.09
CA ARG B 19 -16.66 23.45 -6.44
C ARG B 19 -16.67 24.96 -6.68
N ASN B 20 -16.37 25.66 -5.60
CA ASN B 20 -16.33 27.11 -5.46
C ASN B 20 -14.92 27.70 -5.55
N VAL B 21 -14.06 27.41 -4.60
CA VAL B 21 -12.69 27.88 -4.75
C VAL B 21 -11.99 26.83 -5.62
N ARG B 22 -11.30 27.26 -6.67
CA ARG B 22 -10.76 26.32 -7.64
C ARG B 22 -9.29 26.67 -7.86
N LYS B 23 -8.40 25.78 -7.46
CA LYS B 23 -6.96 26.10 -7.43
C LYS B 23 -6.12 25.04 -8.15
N GLY B 24 -4.88 25.40 -8.52
CA GLY B 24 -3.97 24.48 -9.17
C GLY B 24 -2.69 24.31 -8.37
N VAL B 25 -2.15 23.09 -8.28
CA VAL B 25 -0.89 22.91 -7.58
C VAL B 25 0.01 22.05 -8.41
N VAL B 26 1.28 22.01 -8.06
CA VAL B 26 2.21 21.13 -8.74
C VAL B 26 2.95 20.32 -7.70
N VAL B 27 2.74 19.01 -7.69
CA VAL B 27 3.20 18.23 -6.56
C VAL B 27 3.75 16.88 -6.98
N GLY B 28 4.70 16.37 -6.19
CA GLY B 28 5.32 15.09 -6.43
C GLY B 28 4.77 13.95 -5.58
N THR B 29 4.18 14.25 -4.43
CA THR B 29 3.73 13.20 -3.50
C THR B 29 2.36 13.51 -2.93
N PHE B 30 1.67 12.48 -2.46
CA PHE B 30 0.37 12.68 -1.86
C PHE B 30 0.48 13.59 -0.65
N GLU B 31 1.55 13.46 0.12
CA GLU B 31 1.63 14.25 1.35
C GLU B 31 1.87 15.75 1.00
N GLU B 32 2.64 16.00 -0.05
CA GLU B 32 2.76 17.36 -0.58
C GLU B 32 1.43 17.85 -1.18
N LEU B 33 0.66 16.95 -1.78
CA LEU B 33 -0.69 17.31 -2.23
C LEU B 33 -1.50 17.81 -1.03
N LEU B 34 -1.42 17.11 0.11
CA LEU B 34 -2.15 17.56 1.30
C LEU B 34 -1.70 18.93 1.79
N VAL B 35 -0.40 19.09 1.95
CA VAL B 35 0.11 20.39 2.40
C VAL B 35 -0.33 21.54 1.47
N ARG B 36 -0.06 21.41 0.18
CA ARG B 36 -0.29 22.53 -0.74
C ARG B 36 -1.78 22.72 -1.01
N GLY B 37 -2.53 21.63 -1.01
CA GLY B 37 -3.97 21.71 -1.19
C GLY B 37 -4.65 22.45 -0.04
N LYS B 38 -4.30 22.11 1.20
CA LYS B 38 -4.87 22.84 2.34
C LYS B 38 -4.42 24.30 2.34
N ASP B 39 -3.13 24.51 2.09
CA ASP B 39 -2.61 25.88 1.97
C ASP B 39 -3.41 26.71 0.94
N LYS B 40 -3.60 26.17 -0.26
CA LYS B 40 -4.28 26.89 -1.33
C LYS B 40 -5.75 27.08 -1.01
N LEU B 41 -6.32 26.18 -0.22
CA LEU B 41 -7.72 26.34 0.13
C LEU B 41 -7.91 27.02 1.49
N GLY B 42 -6.81 27.50 2.08
CA GLY B 42 -6.89 28.28 3.30
C GLY B 42 -7.37 27.47 4.48
N VAL B 43 -7.06 26.18 4.44
CA VAL B 43 -7.42 25.27 5.51
C VAL B 43 -6.20 25.19 6.42
N PRO B 44 -6.41 25.32 7.74
CA PRO B 44 -5.27 25.36 8.68
C PRO B 44 -4.48 24.06 8.60
N ALA B 45 -3.16 24.18 8.67
CA ALA B 45 -2.26 23.06 8.39
C ALA B 45 -2.41 21.85 9.33
N SER B 46 -2.84 22.09 10.56
CA SER B 46 -2.97 20.99 11.52
C SER B 46 -4.16 20.11 11.16
N GLU B 47 -5.17 20.73 10.54
CA GLU B 47 -6.44 20.07 10.31
C GLU B 47 -6.33 19.00 9.23
N PRO B 48 -6.87 17.80 9.50
CA PRO B 48 -6.89 16.71 8.52
C PRO B 48 -8.10 16.80 7.57
N VAL B 49 -7.92 16.23 6.38
CA VAL B 49 -8.89 16.32 5.29
C VAL B 49 -8.90 15.02 4.50
N ARG B 50 -9.88 14.86 3.62
CA ARG B 50 -9.85 13.75 2.67
C ARG B 50 -9.78 14.30 1.25
N VAL B 51 -9.19 13.52 0.35
CA VAL B 51 -9.08 13.93 -1.05
C VAL B 51 -9.88 12.97 -1.89
N VAL B 52 -10.75 13.50 -2.72
CA VAL B 52 -11.55 12.62 -3.56
C VAL B 52 -11.54 13.06 -5.00
N LEU B 53 -11.88 12.16 -5.91
CA LEU B 53 -12.06 12.55 -7.29
C LEU B 53 -13.31 13.40 -7.39
N GLU B 54 -13.24 14.47 -8.19
CA GLU B 54 -14.39 15.31 -8.44
C GLU B 54 -15.46 14.56 -9.25
N CYS B 55 -15.05 13.70 -10.17
CA CYS B 55 -16.02 13.11 -11.10
C CYS B 55 -16.98 12.13 -10.40
N ASP B 56 -16.48 11.36 -9.42
CA ASP B 56 -17.32 10.33 -8.81
C ASP B 56 -17.10 10.04 -7.31
N GLY B 57 -16.37 10.90 -6.60
CA GLY B 57 -16.13 10.73 -5.17
C GLY B 57 -15.12 9.65 -4.75
N THR B 58 -14.48 8.97 -5.70
CA THR B 58 -13.48 7.97 -5.32
C THR B 58 -12.37 8.63 -4.49
N GLN B 59 -12.07 8.06 -3.33
CA GLN B 59 -11.10 8.66 -2.43
C GLN B 59 -9.67 8.28 -2.79
N ILE B 60 -8.75 9.24 -2.69
CA ILE B 60 -7.35 8.94 -2.92
C ILE B 60 -6.67 9.06 -1.57
N GLU B 61 -6.04 7.99 -1.11
CA GLU B 61 -5.45 8.01 0.22
C GLU B 61 -4.07 7.40 0.30
N ASP B 62 -3.54 6.92 -0.82
CA ASP B 62 -2.26 6.22 -0.79
C ASP B 62 -1.35 6.72 -1.94
N GLY B 63 -0.04 6.53 -1.78
CA GLY B 63 0.91 6.88 -2.82
C GLY B 63 0.62 6.25 -4.17
N GLU B 64 0.32 4.95 -4.19
CA GLU B 64 0.16 4.23 -5.46
C GLU B 64 -1.00 4.74 -6.34
N TYR B 65 -2.15 4.94 -5.72
CA TYR B 65 -3.28 5.41 -6.50
C TYR B 65 -2.99 6.83 -6.91
N PHE B 66 -2.36 7.58 -6.00
CA PHE B 66 -2.00 8.96 -6.30
C PHE B 66 -1.16 8.99 -7.56
N ARG B 67 -0.19 8.08 -7.71
CA ARG B 67 0.71 8.07 -8.85
C ARG B 67 0.01 7.64 -10.10
N THR B 68 -1.17 7.05 -10.00
CA THR B 68 -1.86 6.78 -11.29
C THR B 68 -2.59 7.99 -11.84
N LEU B 69 -2.73 9.05 -11.05
CA LEU B 69 -3.51 10.22 -11.46
C LEU B 69 -2.90 10.97 -12.65
N ALA B 70 -3.74 11.23 -13.66
CA ALA B 70 -3.33 11.99 -14.84
C ALA B 70 -3.16 13.46 -14.51
N ASN B 71 -2.31 14.15 -15.28
CA ASN B 71 -2.13 15.60 -15.16
C ASN B 71 -3.45 16.38 -15.14
N ASN B 72 -3.56 17.31 -14.19
CA ASN B 72 -4.74 18.16 -14.04
C ASN B 72 -6.08 17.43 -13.80
N THR B 73 -6.03 16.21 -13.29
CA THR B 73 -7.21 15.62 -12.70
C THR B 73 -7.78 16.55 -11.64
N VAL B 74 -9.10 16.74 -11.66
CA VAL B 74 -9.77 17.58 -10.68
C VAL B 74 -10.06 16.76 -9.39
N LEU B 75 -9.56 17.24 -8.28
CA LEU B 75 -9.70 16.63 -6.96
C LEU B 75 -10.48 17.56 -6.07
N LEU B 76 -11.25 17.02 -5.13
CA LEU B 76 -11.91 17.85 -4.12
C LEU B 76 -11.26 17.63 -2.76
N LEU B 77 -11.14 18.72 -2.02
CA LEU B 77 -10.67 18.62 -0.64
C LEU B 77 -11.89 18.64 0.26
N LEU B 78 -12.04 17.60 1.07
CA LEU B 78 -13.16 17.51 2.00
C LEU B 78 -12.68 17.69 3.44
N ARG B 79 -13.29 18.62 4.16
CA ARG B 79 -12.98 18.86 5.56
C ARG B 79 -13.93 17.99 6.35
N GLN B 80 -13.62 17.76 7.63
CA GLN B 80 -14.51 17.13 8.60
C GLN B 80 -16.01 17.43 8.34
N GLY B 81 -16.80 16.39 8.13
CA GLY B 81 -18.23 16.55 7.92
C GLY B 81 -18.70 16.87 6.51
N GLU B 82 -17.75 17.00 5.58
CA GLU B 82 -18.10 17.24 4.18
C GLU B 82 -18.13 15.92 3.41
N ARG B 83 -19.07 15.78 2.49
CA ARG B 83 -19.10 14.58 1.68
C ARG B 83 -19.19 14.96 0.23
N TRP B 84 -18.74 14.07 -0.64
CA TRP B 84 -18.81 14.27 -2.08
C TRP B 84 -20.25 14.23 -2.53
N LEU B 85 -20.60 15.13 -3.45
CA LEU B 85 -21.91 15.15 -4.10
C LEU B 85 -21.75 15.39 -5.61
N GLU B 86 -22.65 14.82 -6.42
CA GLU B 86 -22.57 14.97 -7.87
C GLU B 86 -22.83 16.44 -8.24
N HIS B 87 -22.37 16.85 -9.42
CA HIS B 87 -22.61 18.20 -9.95
C HIS B 87 -24.08 18.65 -9.87
N GLY C 8 -8.84 1.37 13.97
CA GLY C 8 -7.76 0.54 13.46
C GLY C 8 -6.41 1.23 13.56
N LYS C 9 -6.36 2.39 14.19
CA LYS C 9 -5.09 3.09 14.38
C LYS C 9 -4.26 2.54 15.54
N ARG C 10 -2.94 2.47 15.31
CA ARG C 10 -2.03 1.91 16.31
C ARG C 10 -0.72 2.72 16.46
N PRO C 11 -0.07 2.59 17.63
CA PRO C 11 1.18 3.30 17.84
C PRO C 11 2.36 2.63 17.15
N LEU C 12 3.23 3.43 16.55
CA LEU C 12 4.48 2.92 15.99
C LEU C 12 5.56 3.91 16.34
N LYS C 13 6.81 3.46 16.35
CA LYS C 13 7.89 4.38 16.65
C LYS C 13 8.64 4.70 15.37
N ILE C 14 8.94 5.97 15.12
CA ILE C 14 9.63 6.35 13.90
C ILE C 14 10.82 7.24 14.26
N TRP C 15 12.00 6.70 13.96
CA TRP C 15 13.27 7.32 14.29
C TRP C 15 13.99 7.67 12.97
N ASP C 16 15.00 8.56 13.03
CA ASP C 16 15.77 8.92 11.83
C ASP C 16 16.87 7.91 11.58
N SER C 17 17.57 8.06 10.46
CA SER C 17 18.65 7.15 10.06
C SER C 17 19.69 6.91 11.14
N TRP C 18 19.98 7.94 11.94
CA TRP C 18 21.02 7.84 12.95
C TRP C 18 20.50 7.40 14.31
N ARG C 19 19.21 7.10 14.40
CA ARG C 19 18.59 6.69 15.66
C ARG C 19 18.76 7.79 16.69
N ASN C 20 18.75 9.03 16.19
CA ASN C 20 18.90 10.20 17.04
C ASN C 20 17.55 10.82 17.37
N VAL C 21 16.85 11.32 16.36
CA VAL C 21 15.52 11.88 16.58
C VAL C 21 14.53 10.70 16.60
N ARG C 22 13.69 10.66 17.62
CA ARG C 22 12.86 9.49 17.94
C ARG C 22 11.45 9.95 18.26
N LYS C 23 10.48 9.54 17.45
CA LYS C 23 9.14 10.09 17.56
C LYS C 23 8.10 8.98 17.68
N GLY C 24 6.93 9.29 18.22
CA GLY C 24 5.91 8.26 18.35
C GLY C 24 4.72 8.68 17.54
N VAL C 25 4.15 7.74 16.80
CA VAL C 25 3.03 8.12 15.95
C VAL C 25 1.87 7.14 16.15
N VAL C 26 0.67 7.55 15.76
CA VAL C 26 -0.47 6.64 15.82
C VAL C 26 -1.17 6.70 14.49
N VAL C 27 -1.18 5.61 13.75
CA VAL C 27 -1.60 5.62 12.36
C VAL C 27 -2.38 4.38 11.99
N GLY C 28 -3.25 4.51 10.99
CA GLY C 28 -4.03 3.40 10.47
C GLY C 28 -3.48 2.84 9.16
N THR C 29 -2.75 3.65 8.40
CA THR C 29 -2.30 3.28 7.05
C THR C 29 -0.83 3.62 6.83
N PHE C 30 -0.22 2.99 5.82
CA PHE C 30 1.17 3.29 5.53
C PHE C 30 1.37 4.77 5.14
N GLU C 31 0.35 5.33 4.49
CA GLU C 31 0.45 6.70 4.01
C GLU C 31 0.39 7.69 5.16
N GLU C 32 -0.40 7.38 6.19
CA GLU C 32 -0.48 8.20 7.40
C GLU C 32 0.82 8.19 8.17
N LEU C 33 1.48 7.03 8.14
CA LEU C 33 2.82 6.88 8.67
C LEU C 33 3.77 7.84 7.91
N LEU C 34 3.67 7.88 6.58
CA LEU C 34 4.50 8.80 5.81
C LEU C 34 4.23 10.27 6.14
N VAL C 35 2.97 10.64 6.16
CA VAL C 35 2.57 12.01 6.47
C VAL C 35 3.09 12.48 7.85
N ARG C 36 2.78 11.73 8.89
CA ARG C 36 3.16 12.14 10.23
C ARG C 36 4.67 11.96 10.51
N GLY C 37 5.26 10.91 9.94
CA GLY C 37 6.67 10.65 10.11
C GLY C 37 7.51 11.73 9.46
N LYS C 38 7.17 12.09 8.22
CA LYS C 38 7.88 13.15 7.52
C LYS C 38 7.69 14.48 8.21
N ASP C 39 6.44 14.77 8.59
CA ASP C 39 6.18 16.01 9.31
C ASP C 39 7.04 16.13 10.59
N LYS C 40 7.03 15.11 11.43
CA LYS C 40 7.77 15.12 12.71
C LYS C 40 9.30 15.01 12.63
N LEU C 41 9.83 14.47 11.55
CA LEU C 41 11.28 14.36 11.40
C LEU C 41 11.80 15.51 10.55
N GLY C 42 10.93 16.47 10.27
CA GLY C 42 11.33 17.65 9.52
C GLY C 42 11.67 17.35 8.07
N VAL C 43 11.02 16.36 7.46
CA VAL C 43 11.27 16.05 6.06
C VAL C 43 10.24 16.75 5.17
N PRO C 44 10.70 17.46 4.14
CA PRO C 44 9.77 18.22 3.29
C PRO C 44 8.78 17.31 2.57
N ALA C 45 7.54 17.76 2.45
CA ALA C 45 6.45 16.94 1.96
C ALA C 45 6.69 16.46 0.53
N SER C 46 7.47 17.21 -0.23
CA SER C 46 7.80 16.84 -1.61
C SER C 46 8.78 15.67 -1.64
N GLU C 47 9.60 15.54 -0.60
CA GLU C 47 10.65 14.54 -0.70
C GLU C 47 10.13 13.12 -0.48
N PRO C 48 10.51 12.17 -1.35
CA PRO C 48 10.10 10.79 -1.10
C PRO C 48 11.07 10.16 -0.13
N VAL C 49 10.63 9.14 0.59
CA VAL C 49 11.45 8.57 1.65
C VAL C 49 11.31 7.08 1.57
N ARG C 50 12.16 6.36 2.27
CA ARG C 50 11.96 4.92 2.43
C ARG C 50 11.78 4.60 3.90
N VAL C 51 11.03 3.54 4.21
CA VAL C 51 10.84 3.10 5.58
C VAL C 51 11.36 1.67 5.82
N VAL C 52 12.18 1.48 6.86
CA VAL C 52 12.71 0.15 7.17
C VAL C 52 12.53 -0.23 8.64
N LEU C 53 12.62 -1.53 8.95
CA LEU C 53 12.64 -1.98 10.33
C LEU C 53 13.97 -1.53 10.90
N GLU C 54 13.94 -1.11 12.15
CA GLU C 54 15.16 -0.70 12.80
C GLU C 54 16.08 -1.90 13.00
N CYS C 55 15.50 -3.05 13.33
CA CYS C 55 16.31 -4.19 13.77
C CYS C 55 17.20 -4.78 12.67
N ASP C 56 16.71 -4.82 11.44
CA ASP C 56 17.48 -5.47 10.40
C ASP C 56 17.33 -4.87 8.99
N GLY C 57 16.74 -3.68 8.88
CA GLY C 57 16.60 -3.05 7.58
C GLY C 57 15.54 -3.56 6.60
N THR C 58 14.69 -4.50 7.01
CA THR C 58 13.62 -4.95 6.11
C THR C 58 12.79 -3.74 5.71
N GLN C 59 12.51 -3.60 4.41
CA GLN C 59 11.80 -2.42 3.90
C GLN C 59 10.30 -2.57 4.15
N ILE C 60 9.66 -1.47 4.56
CA ILE C 60 8.23 -1.46 4.83
C ILE C 60 7.46 -0.60 3.81
N GLU C 61 6.44 -1.18 3.18
CA GLU C 61 5.62 -0.49 2.19
C GLU C 61 4.15 -0.75 2.54
N ASP C 62 3.22 -0.11 1.83
CA ASP C 62 1.82 -0.31 2.15
C ASP C 62 1.53 -1.78 1.88
N GLY C 63 0.62 -2.36 2.65
CA GLY C 63 0.16 -3.71 2.40
C GLY C 63 0.13 -4.56 3.66
N GLU C 64 -0.02 -5.87 3.44
CA GLU C 64 -0.20 -6.84 4.52
C GLU C 64 0.98 -6.89 5.47
N TYR C 65 2.20 -6.84 4.95
CA TYR C 65 3.35 -6.95 5.86
C TYR C 65 3.37 -5.79 6.81
N PHE C 66 3.07 -4.59 6.31
CA PHE C 66 3.02 -3.41 7.16
C PHE C 66 1.97 -3.62 8.24
N ARG C 67 0.81 -4.15 7.88
CA ARG C 67 -0.23 -4.36 8.89
C ARG C 67 0.06 -5.51 9.87
N THR C 68 1.02 -6.39 9.58
CA THR C 68 1.34 -7.42 10.56
C THR C 68 2.24 -6.91 11.66
N LEU C 69 2.78 -5.72 11.45
CA LEU C 69 3.74 -5.19 12.42
C LEU C 69 3.09 -4.98 13.78
N ALA C 70 3.76 -5.42 14.83
CA ALA C 70 3.29 -5.24 16.20
C ALA C 70 3.34 -3.76 16.55
N ASN C 71 2.45 -3.38 17.47
CA ASN C 71 2.42 -2.06 18.08
C ASN C 71 3.79 -1.63 18.55
N ASN C 72 4.13 -0.37 18.29
CA ASN C 72 5.40 0.18 18.73
C ASN C 72 6.62 -0.57 18.19
N THR C 73 6.44 -1.22 17.05
CA THR C 73 7.59 -1.62 16.26
C THR C 73 8.46 -0.40 15.95
N VAL C 74 9.75 -0.51 16.13
CA VAL C 74 10.62 0.61 15.83
C VAL C 74 10.99 0.64 14.35
N LEU C 75 10.64 1.74 13.68
CA LEU C 75 10.89 1.92 12.26
C LEU C 75 11.88 3.08 12.02
N LEU C 76 12.66 2.99 10.95
CA LEU C 76 13.51 4.12 10.57
C LEU C 76 13.00 4.74 9.29
N LEU C 77 13.07 6.07 9.26
CA LEU C 77 12.78 6.82 8.05
C LEU C 77 14.13 7.19 7.43
N LEU C 78 14.29 6.80 6.16
CA LEU C 78 15.49 7.02 5.38
C LEU C 78 15.24 8.06 4.30
N ARG C 79 16.07 9.09 4.27
CA ARG C 79 15.92 10.10 3.24
C ARG C 79 16.76 9.69 2.04
N GLN C 80 16.45 10.27 0.89
CA GLN C 80 17.27 10.17 -0.32
C GLN C 80 18.77 10.10 -0.01
N GLY C 81 19.39 9.01 -0.41
CA GLY C 81 20.82 8.79 -0.21
C GLY C 81 21.21 8.24 1.16
N GLU C 82 20.24 8.06 2.05
CA GLU C 82 20.51 7.44 3.34
C GLU C 82 20.25 5.94 3.27
N ARG C 83 21.02 5.17 4.04
CA ARG C 83 20.84 3.72 4.10
C ARG C 83 20.77 3.19 5.54
N TRP C 84 20.18 2.01 5.72
CA TRP C 84 20.14 1.34 7.02
C TRP C 84 21.52 0.84 7.43
N LEU C 85 21.88 1.02 8.70
CA LEU C 85 23.06 0.34 9.24
C LEU C 85 22.77 -0.25 10.63
N GLU C 86 23.47 -1.34 10.95
CA GLU C 86 23.29 -2.06 12.19
C GLU C 86 23.63 -1.25 13.45
N HIS C 87 23.34 -1.85 14.60
CA HIS C 87 23.64 -1.37 15.96
C HIS C 87 24.10 0.09 16.07
N GLY D 8 -2.59 -20.35 9.83
CA GLY D 8 -2.95 -19.73 8.56
C GLY D 8 -1.83 -18.95 7.88
N LYS D 9 -2.15 -17.74 7.44
CA LYS D 9 -1.19 -16.87 6.74
C LYS D 9 -0.18 -16.19 7.69
N ARG D 10 1.07 -16.08 7.22
CA ARG D 10 2.15 -15.61 8.09
C ARG D 10 3.19 -14.68 7.44
N PRO D 11 3.82 -13.83 8.26
CA PRO D 11 4.91 -12.97 7.77
C PRO D 11 6.26 -13.70 7.67
N LEU D 12 6.96 -13.47 6.56
CA LEU D 12 8.32 -13.97 6.37
C LEU D 12 9.13 -12.87 5.75
N LYS D 13 10.44 -12.96 5.90
CA LYS D 13 11.33 -11.98 5.30
C LYS D 13 12.01 -12.61 4.09
N ILE D 14 12.05 -11.86 3.00
CA ILE D 14 12.63 -12.37 1.77
C ILE D 14 13.59 -11.30 1.26
N TRP D 15 14.86 -11.67 1.23
CA TRP D 15 15.95 -10.79 0.84
C TRP D 15 16.55 -11.34 -0.45
N ASP D 16 17.29 -10.52 -1.18
CA ASP D 16 17.91 -11.02 -2.40
C ASP D 16 19.20 -11.76 -2.00
N SER D 17 19.85 -12.37 -2.98
CA SER D 17 21.07 -13.16 -2.78
C SER D 17 22.18 -12.46 -1.98
N TRP D 18 22.35 -11.15 -2.17
CA TRP D 18 23.44 -10.40 -1.53
C TRP D 18 23.02 -9.71 -0.25
N ARG D 19 21.78 -9.95 0.16
CA ARG D 19 21.27 -9.36 1.39
C ARG D 19 21.27 -7.86 1.20
N ASN D 20 21.02 -7.42 -0.03
CA ASN D 20 21.03 -6.00 -0.33
C ASN D 20 19.57 -5.50 -0.30
N VAL D 21 18.72 -6.03 -1.17
CA VAL D 21 17.29 -5.71 -1.16
C VAL D 21 16.55 -6.58 -0.14
N ARG D 22 15.79 -5.96 0.76
CA ARG D 22 15.25 -6.66 1.93
C ARG D 22 13.76 -6.37 2.06
N LYS D 23 12.94 -7.41 1.91
CA LYS D 23 11.50 -7.23 1.81
C LYS D 23 10.75 -8.11 2.81
N GLY D 24 9.48 -7.78 3.02
CA GLY D 24 8.63 -8.57 3.89
C GLY D 24 7.45 -9.07 3.10
N VAL D 25 7.04 -10.31 3.32
CA VAL D 25 5.86 -10.83 2.67
C VAL D 25 4.94 -11.49 3.69
N VAL D 26 3.70 -11.67 3.29
CA VAL D 26 2.74 -12.39 4.10
C VAL D 26 2.10 -13.44 3.20
N VAL D 27 2.31 -14.70 3.54
CA VAL D 27 1.96 -15.82 2.67
C VAL D 27 1.42 -17.01 3.47
N GLY D 28 0.56 -17.79 2.81
CA GLY D 28 0.00 -18.97 3.44
C GLY D 28 0.62 -20.29 3.00
N THR D 29 1.16 -20.31 1.79
CA THR D 29 1.68 -21.55 1.19
C THR D 29 3.03 -21.24 0.57
N PHE D 30 3.83 -22.29 0.35
CA PHE D 30 5.15 -22.10 -0.23
C PHE D 30 5.19 -21.47 -1.61
N GLU D 31 4.20 -21.83 -2.43
CA GLU D 31 4.20 -21.39 -3.81
C GLU D 31 3.81 -19.91 -3.86
N GLU D 32 2.96 -19.49 -2.92
CA GLU D 32 2.64 -18.07 -2.77
C GLU D 32 3.84 -17.27 -2.30
N LEU D 33 4.65 -17.89 -1.45
CA LEU D 33 5.94 -17.31 -1.09
C LEU D 33 6.75 -17.05 -2.34
N LEU D 34 6.77 -18.03 -3.25
CA LEU D 34 7.48 -17.82 -4.51
C LEU D 34 6.89 -16.63 -5.27
N VAL D 35 5.56 -16.61 -5.37
CA VAL D 35 4.82 -15.55 -6.04
C VAL D 35 5.17 -14.14 -5.54
N ARG D 36 4.98 -13.93 -4.24
CA ARG D 36 5.16 -12.63 -3.62
C ARG D 36 6.62 -12.26 -3.50
N GLY D 37 7.48 -13.27 -3.36
CA GLY D 37 8.91 -13.06 -3.30
C GLY D 37 9.47 -12.52 -4.59
N LYS D 38 9.09 -13.12 -5.73
CA LYS D 38 9.52 -12.56 -7.01
C LYS D 38 8.88 -11.20 -7.25
N ASP D 39 7.59 -11.05 -6.94
CA ASP D 39 7.01 -9.72 -7.06
C ASP D 39 7.79 -8.64 -6.28
N LYS D 40 8.07 -8.88 -4.99
CA LYS D 40 8.77 -7.87 -4.17
C LYS D 40 10.22 -7.68 -4.59
N LEU D 41 10.80 -8.71 -5.19
CA LEU D 41 12.20 -8.59 -5.59
C LEU D 41 12.37 -8.23 -7.06
N GLY D 42 11.27 -7.96 -7.74
CA GLY D 42 11.34 -7.51 -9.12
C GLY D 42 11.85 -8.55 -10.09
N VAL D 43 11.55 -9.82 -9.82
CA VAL D 43 11.93 -10.93 -10.70
C VAL D 43 10.74 -11.39 -11.54
N PRO D 44 10.97 -11.68 -12.84
CA PRO D 44 9.78 -12.06 -13.62
C PRO D 44 9.08 -13.29 -13.06
N ALA D 45 7.76 -13.23 -13.02
CA ALA D 45 6.92 -14.20 -12.33
C ALA D 45 7.07 -15.61 -12.92
N SER D 46 7.43 -15.66 -14.20
CA SER D 46 7.61 -16.92 -14.92
C SER D 46 8.88 -17.64 -14.50
N GLU D 47 9.90 -16.87 -14.10
CA GLU D 47 11.24 -17.43 -13.85
C GLU D 47 11.32 -18.30 -12.61
N PRO D 48 11.97 -19.47 -12.73
CA PRO D 48 12.13 -20.27 -11.51
C PRO D 48 13.31 -19.78 -10.67
N VAL D 49 13.21 -20.00 -9.36
CA VAL D 49 14.18 -19.50 -8.40
C VAL D 49 14.33 -20.52 -7.28
N ARG D 50 15.34 -20.39 -6.43
CA ARG D 50 15.36 -21.22 -5.23
C ARG D 50 15.30 -20.35 -3.98
N VAL D 51 14.75 -20.94 -2.92
CA VAL D 51 14.64 -20.25 -1.65
C VAL D 51 15.52 -20.92 -0.61
N VAL D 52 16.34 -20.14 0.08
CA VAL D 52 17.24 -20.71 1.10
C VAL D 52 17.18 -19.95 2.40
N LEU D 53 17.58 -20.60 3.48
CA LEU D 53 17.71 -19.92 4.75
C LEU D 53 18.87 -18.97 4.65
N GLU D 54 18.67 -17.77 5.17
CA GLU D 54 19.74 -16.79 5.19
C GLU D 54 20.88 -17.24 6.09
N CYS D 55 20.55 -17.89 7.20
CA CYS D 55 21.57 -18.21 8.20
C CYS D 55 22.57 -19.25 7.69
N ASP D 56 22.11 -20.24 6.93
CA ASP D 56 23.04 -21.30 6.55
C ASP D 56 22.82 -21.93 5.18
N GLY D 57 21.95 -21.33 4.37
CA GLY D 57 21.70 -21.86 3.03
C GLY D 57 20.84 -23.10 2.89
N THR D 58 20.21 -23.58 3.96
CA THR D 58 19.32 -24.74 3.83
C THR D 58 18.22 -24.42 2.80
N GLN D 59 17.99 -25.31 1.82
CA GLN D 59 17.04 -24.97 0.78
C GLN D 59 15.64 -25.27 1.29
N ILE D 60 14.70 -24.40 0.95
CA ILE D 60 13.30 -24.60 1.28
C ILE D 60 12.52 -24.89 0.01
N GLU D 61 11.77 -25.98 0.05
CA GLU D 61 11.01 -26.52 -1.07
C GLU D 61 9.65 -26.76 -0.44
N ASP D 62 8.61 -26.92 -1.25
CA ASP D 62 7.27 -26.89 -0.67
C ASP D 62 6.99 -27.92 0.42
N GLY D 63 6.05 -27.54 1.28
CA GLY D 63 5.47 -28.42 2.25
C GLY D 63 5.88 -28.34 3.70
N GLU D 64 6.43 -29.47 4.10
CA GLU D 64 6.68 -29.82 5.48
C GLU D 64 7.68 -28.87 6.16
N TYR D 65 8.82 -28.71 5.48
CA TYR D 65 9.89 -27.93 6.06
C TYR D 65 9.50 -26.46 6.06
N PHE D 66 8.83 -26.05 5.00
CA PHE D 66 8.33 -24.68 4.86
C PHE D 66 7.39 -24.34 6.02
N ARG D 67 6.48 -25.23 6.38
CA ARG D 67 5.53 -24.97 7.48
C ARG D 67 6.19 -24.95 8.85
N THR D 68 7.39 -25.54 8.96
CA THR D 68 8.05 -25.42 10.27
C THR D 68 8.76 -24.08 10.49
N LEU D 69 8.93 -23.27 9.44
CA LEU D 69 9.70 -22.04 9.61
C LEU D 69 8.98 -21.09 10.54
N ALA D 70 9.72 -20.49 11.47
CA ALA D 70 9.13 -19.50 12.38
C ALA D 70 8.78 -18.21 11.63
N ASN D 71 7.78 -17.50 12.15
CA ASN D 71 7.43 -16.18 11.64
C ASN D 71 8.66 -15.29 11.50
N ASN D 72 8.74 -14.57 10.38
CA ASN D 72 9.83 -13.63 10.09
C ASN D 72 11.21 -14.25 10.05
N THR D 73 11.26 -15.54 9.72
CA THR D 73 12.49 -16.17 9.28
C THR D 73 13.06 -15.44 8.05
N VAL D 74 14.36 -15.18 8.05
CA VAL D 74 14.96 -14.52 6.90
C VAL D 74 15.34 -15.53 5.81
N LEU D 75 14.75 -15.37 4.63
CA LEU D 75 14.97 -16.25 3.51
C LEU D 75 15.65 -15.46 2.40
N LEU D 76 16.46 -16.13 1.60
CA LEU D 76 17.05 -15.51 0.41
C LEU D 76 16.44 -16.10 -0.82
N LEU D 77 16.19 -15.22 -1.79
CA LEU D 77 15.75 -15.67 -3.08
C LEU D 77 16.95 -15.65 -4.00
N LEU D 78 17.20 -16.80 -4.60
CA LEU D 78 18.28 -16.99 -5.57
C LEU D 78 17.75 -17.20 -6.99
N ARG D 79 18.32 -16.45 -7.94
CA ARG D 79 17.97 -16.61 -9.34
C ARG D 79 18.91 -17.65 -9.91
N GLN D 80 18.56 -18.20 -11.07
CA GLN D 80 19.48 -19.01 -11.86
C GLN D 80 20.92 -18.48 -11.78
N GLY D 81 21.84 -19.33 -11.36
CA GLY D 81 23.25 -19.00 -11.29
C GLY D 81 23.76 -18.32 -10.04
N GLU D 82 22.84 -18.05 -9.11
CA GLU D 82 23.21 -17.50 -7.81
C GLU D 82 23.26 -18.59 -6.75
N ARG D 83 24.16 -18.47 -5.80
CA ARG D 83 24.18 -19.43 -4.70
C ARG D 83 24.31 -18.76 -3.33
N TRP D 84 23.95 -19.49 -2.27
CA TRP D 84 24.03 -18.95 -0.92
C TRP D 84 25.46 -18.67 -0.50
N LEU D 85 25.65 -17.55 0.18
CA LEU D 85 26.95 -17.23 0.74
C LEU D 85 26.85 -16.76 2.20
N GLU D 86 27.93 -17.02 2.93
CA GLU D 86 28.10 -16.63 4.35
C GLU D 86 28.18 -15.11 4.58
N HIS D 87 28.09 -14.73 5.85
CA HIS D 87 28.18 -13.34 6.37
C HIS D 87 26.80 -12.70 6.34
#